data_3AJB
#
_entry.id   3AJB
#
_cell.length_a   147.600
_cell.length_b   147.600
_cell.length_c   86.202
_cell.angle_alpha   90.00
_cell.angle_beta   90.00
_cell.angle_gamma   120.00
#
_symmetry.space_group_name_H-M   'P 65 2 2'
#
loop_
_entity.id
_entity.type
_entity.pdbx_description
1 polymer 'Peroxisomal biogenesis factor 3'
2 polymer 'Peroxisomal biogenesis factor 19'
3 water water
#
loop_
_entity_poly.entity_id
_entity_poly.type
_entity_poly.pdbx_seq_one_letter_code
_entity_poly.pdbx_strand_id
1 'polypeptide(L)'
;GPLGSIAQARRQYHFESNQRTCNMTVLSMLPTLREALMQQLNSESLTALLKNRPSNKLEIWEDLKIISFTRSTVAVYSTC
MLVVLLRVQLNIIGGYIYLDNAAVGKNGTTILAPPDVQQQYLSSIQHLLGDGLTELITVIKQAVQKVLGSVSLKHSLSLL
DLEQKLKEIRNLVEQHKSSSWINKDGSKPLLCHYMMPDEETPLAVQACGLSPRDITTIKLLNETRDMLESPDFSTVLNTC
LNRGFSRLLDNMAEFFRPTEQDLQHGNSMNSLSSVSLPLAKIIPIVNGQIHSVCSETPSHFVQDLLTMEQVKDFAANVYE
AFSTPQQLEK
;
A
2 'polypeptide(L)' GPLGSMAAAEEGASVGAEADRELEELLESALDDFDKAKPSPAPPSTTTA B
#
# COMPACT_ATOMS: atom_id res chain seq x y z
N ALA A 9 24.06 -10.58 -20.98
CA ALA A 9 24.90 -9.65 -21.80
C ALA A 9 25.24 -8.34 -21.05
N ARG A 10 25.15 -7.21 -21.76
CA ARG A 10 25.28 -5.86 -21.17
C ARG A 10 23.98 -5.40 -20.48
N ARG A 11 23.12 -6.36 -20.16
CA ARG A 11 21.80 -6.10 -19.61
C ARG A 11 21.81 -5.85 -18.12
N GLN A 12 22.53 -6.71 -17.37
CA GLN A 12 22.64 -6.62 -15.92
C GLN A 12 23.02 -5.21 -15.48
N TYR A 13 23.87 -4.57 -16.28
CA TYR A 13 24.31 -3.21 -16.03
C TYR A 13 23.13 -2.20 -16.11
N HIS A 14 22.36 -2.26 -17.20
CA HIS A 14 21.13 -1.47 -17.39
C HIS A 14 20.07 -1.86 -16.35
N PHE A 15 19.96 -3.15 -16.06
CA PHE A 15 19.05 -3.64 -15.02
C PHE A 15 19.32 -3.06 -13.62
N GLU A 16 20.59 -3.02 -13.20
CA GLU A 16 20.96 -2.48 -11.87
C GLU A 16 20.56 -1.01 -11.61
N SER A 17 20.84 -0.10 -12.55
CA SER A 17 20.36 1.30 -12.43
C SER A 17 18.85 1.39 -12.42
N ASN A 18 18.22 0.59 -13.26
CA ASN A 18 16.77 0.59 -13.36
C ASN A 18 16.08 0.26 -12.03
N GLN A 19 16.73 -0.59 -11.23
CA GLN A 19 16.20 -0.96 -9.91
C GLN A 19 16.13 0.21 -8.93
N ARG A 20 17.11 1.08 -8.97
CA ARG A 20 17.13 2.18 -8.01
C ARG A 20 16.18 3.24 -8.46
N THR A 21 15.98 3.34 -9.79
CA THR A 21 14.95 4.25 -10.33
C THR A 21 13.60 3.89 -9.72
N CYS A 22 13.35 2.59 -9.62
CA CYS A 22 12.13 2.06 -9.08
C CYS A 22 11.98 2.43 -7.61
N ASN A 23 13.08 2.33 -6.88
CA ASN A 23 13.14 2.77 -5.47
C ASN A 23 12.88 4.26 -5.29
N MET A 24 13.55 5.10 -6.08
CA MET A 24 13.25 6.54 -6.10
C MET A 24 11.77 6.77 -6.34
N THR A 25 11.22 6.09 -7.35
CA THR A 25 9.80 6.26 -7.64
C THR A 25 8.87 5.90 -6.49
N VAL A 26 9.07 4.75 -5.85
CA VAL A 26 8.26 4.44 -4.65
C VAL A 26 8.31 5.56 -3.61
N LEU A 27 9.53 5.98 -3.25
CA LEU A 27 9.68 6.94 -2.14
C LEU A 27 9.03 8.23 -2.53
N SER A 28 9.21 8.56 -3.80
CA SER A 28 8.63 9.73 -4.40
C SER A 28 7.11 9.75 -4.35
N MET A 29 6.48 8.58 -4.39
CA MET A 29 5.02 8.52 -4.43
C MET A 29 4.31 8.31 -3.10
N LEU A 30 5.03 7.85 -2.08
CA LEU A 30 4.44 7.64 -0.75
C LEU A 30 3.74 8.84 -0.11
N PRO A 31 4.31 10.06 -0.26
CA PRO A 31 3.56 11.18 0.30
C PRO A 31 2.17 11.27 -0.31
N THR A 32 2.07 11.04 -1.60
CA THR A 32 0.78 11.10 -2.29
C THR A 32 -0.20 10.04 -1.79
N LEU A 33 0.29 8.81 -1.67
CA LEU A 33 -0.52 7.73 -1.08
C LEU A 33 -0.96 8.07 0.36
N ARG A 34 0.00 8.45 1.19
CA ARG A 34 -0.29 8.79 2.58
C ARG A 34 -1.36 9.90 2.68
N GLU A 35 -1.11 11.00 1.97
CA GLU A 35 -2.01 12.14 1.98
C GLU A 35 -3.40 11.74 1.54
N ALA A 36 -3.53 10.82 0.57
CA ALA A 36 -4.88 10.42 0.11
C ALA A 36 -5.62 9.57 1.13
N LEU A 37 -4.92 8.60 1.72
CA LEU A 37 -5.46 7.80 2.80
C LEU A 37 -5.93 8.64 3.97
N MET A 38 -5.05 9.50 4.48
CA MET A 38 -5.38 10.46 5.56
C MET A 38 -6.49 11.46 5.29
N GLN A 39 -6.67 11.90 4.04
CA GLN A 39 -7.87 12.68 3.68
C GLN A 39 -9.14 11.86 3.57
N GLN A 40 -9.03 10.63 3.08
CA GLN A 40 -10.20 9.76 2.88
C GLN A 40 -10.60 8.96 4.12
N LEU A 41 -9.66 8.84 5.05
CA LEU A 41 -9.88 8.12 6.30
C LEU A 41 -9.34 9.00 7.43
N ASN A 42 -9.99 10.14 7.62
CA ASN A 42 -9.45 11.22 8.48
C ASN A 42 -9.86 10.99 9.91
N SER A 43 -9.01 10.31 10.66
CA SER A 43 -9.37 9.93 12.02
C SER A 43 -9.00 11.07 12.93
N GLU A 44 -7.97 11.83 12.53
CA GLU A 44 -7.48 12.95 13.33
C GLU A 44 -8.54 14.03 13.48
N SER A 45 -9.44 14.12 12.52
CA SER A 45 -10.54 15.03 12.67
C SER A 45 -11.55 14.49 13.70
N LEU A 46 -11.83 13.18 13.72
CA LEU A 46 -12.68 12.60 14.79
C LEU A 46 -12.09 12.71 16.22
N THR A 47 -10.77 12.60 16.34
CA THR A 47 -10.15 12.74 17.65
C THR A 47 -10.20 14.18 18.13
N ALA A 48 -10.18 15.12 17.19
CA ALA A 48 -10.32 16.56 17.50
C ALA A 48 -11.73 16.93 17.99
N LEU A 49 -12.72 16.17 17.53
CA LEU A 49 -14.10 16.29 17.95
C LEU A 49 -14.27 15.79 19.39
N LEU A 50 -13.54 14.73 19.72
CA LEU A 50 -13.51 14.19 21.08
C LEU A 50 -12.71 15.06 22.05
N LYS A 51 -11.71 15.78 21.56
CA LYS A 51 -10.90 16.64 22.40
C LYS A 51 -11.75 17.79 23.00
N ASN A 52 -12.59 18.39 22.18
CA ASN A 52 -13.66 19.28 22.66
C ASN A 52 -14.86 18.43 23.11
N ARG A 53 -14.70 17.72 24.23
CA ARG A 53 -15.60 16.63 24.66
C ARG A 53 -17.08 16.86 24.33
N PRO A 54 -17.64 16.06 23.42
CA PRO A 54 -19.02 16.21 22.96
C PRO A 54 -19.99 15.22 23.62
N SER A 55 -21.23 15.23 23.15
CA SER A 55 -22.27 14.38 23.71
C SER A 55 -22.11 12.93 23.23
N ASN A 56 -22.11 12.75 21.91
CA ASN A 56 -22.10 11.43 21.27
C ASN A 56 -20.69 10.81 21.07
N LYS A 57 -19.90 10.82 22.15
CA LYS A 57 -18.54 10.27 22.10
C LYS A 57 -18.52 8.75 21.82
N LEU A 58 -19.54 8.03 22.28
CA LEU A 58 -19.66 6.61 21.93
C LEU A 58 -19.78 6.42 20.42
N GLU A 59 -20.66 7.21 19.79
CA GLU A 59 -20.89 7.15 18.36
C GLU A 59 -19.60 7.42 17.56
N ILE A 60 -18.84 8.43 18.00
CA ILE A 60 -17.56 8.81 17.39
C ILE A 60 -16.48 7.74 17.61
N TRP A 61 -16.45 7.13 18.78
CA TRP A 61 -15.49 6.06 19.03
C TRP A 61 -15.72 4.85 18.13
N GLU A 62 -16.99 4.45 17.94
CA GLU A 62 -17.29 3.32 17.05
C GLU A 62 -16.90 3.61 15.59
N ASP A 63 -16.91 4.89 15.22
CA ASP A 63 -16.51 5.33 13.91
C ASP A 63 -15.00 5.18 13.77
N LEU A 64 -14.28 5.73 14.75
CA LEU A 64 -12.84 5.73 14.83
C LEU A 64 -12.25 4.31 14.89
N LYS A 65 -13.01 3.40 15.50
CA LYS A 65 -12.65 2.00 15.54
C LYS A 65 -12.47 1.46 14.14
N ILE A 66 -13.45 1.74 13.29
CA ILE A 66 -13.47 1.28 11.90
C ILE A 66 -12.40 2.02 11.08
N ILE A 67 -12.36 3.33 11.24
CA ILE A 67 -11.48 4.14 10.44
C ILE A 67 -10.01 3.81 10.72
N SER A 68 -9.61 3.79 11.98
CA SER A 68 -8.22 3.44 12.33
C SER A 68 -7.77 2.08 11.75
N PHE A 69 -8.60 1.05 11.88
CA PHE A 69 -8.24 -0.27 11.39
C PHE A 69 -8.26 -0.31 9.88
N THR A 70 -9.21 0.40 9.28
CA THR A 70 -9.29 0.44 7.83
C THR A 70 -8.08 1.17 7.28
N ARG A 71 -7.74 2.30 7.87
CA ARG A 71 -6.67 3.08 7.33
C ARG A 71 -5.38 2.31 7.31
N SER A 72 -5.02 1.73 8.46
CA SER A 72 -3.79 0.93 8.58
C SER A 72 -3.76 -0.31 7.71
N THR A 73 -4.90 -0.98 7.56
CA THR A 73 -4.96 -2.16 6.69
C THR A 73 -4.82 -1.77 5.22
N VAL A 74 -5.48 -0.68 4.82
CA VAL A 74 -5.33 -0.14 3.46
C VAL A 74 -3.90 0.34 3.27
N ALA A 75 -3.32 1.00 4.28
CA ALA A 75 -1.92 1.45 4.19
C ALA A 75 -1.00 0.32 3.77
N VAL A 76 -1.16 -0.84 4.42
CA VAL A 76 -0.30 -2.02 4.16
C VAL A 76 -0.55 -2.59 2.77
N TYR A 77 -1.79 -2.85 2.42
CA TYR A 77 -2.08 -3.33 1.06
C TYR A 77 -1.58 -2.39 -0.05
N SER A 78 -1.93 -1.12 0.04
CA SER A 78 -1.63 -0.20 -1.05
C SER A 78 -0.13 0.04 -1.20
N THR A 79 0.59 0.12 -0.08
CA THR A 79 2.06 0.25 -0.09
C THR A 79 2.75 -0.95 -0.73
N CYS A 80 2.27 -2.16 -0.44
CA CYS A 80 2.82 -3.39 -1.03
C CYS A 80 2.46 -3.46 -2.50
N MET A 81 1.25 -3.04 -2.83
CA MET A 81 0.83 -2.90 -4.24
C MET A 81 1.69 -1.90 -5.02
N LEU A 82 1.92 -0.73 -4.45
CA LEU A 82 2.77 0.28 -5.07
C LEU A 82 4.15 -0.26 -5.40
N VAL A 83 4.73 -0.98 -4.45
CA VAL A 83 6.07 -1.53 -4.64
C VAL A 83 6.10 -2.53 -5.81
N VAL A 84 5.23 -3.54 -5.78
CA VAL A 84 5.30 -4.60 -6.79
C VAL A 84 4.81 -4.09 -8.17
N LEU A 85 3.79 -3.22 -8.17
CA LEU A 85 3.31 -2.69 -9.43
C LEU A 85 4.39 -1.85 -10.10
N LEU A 86 5.11 -1.02 -9.33
CA LEU A 86 6.21 -0.26 -9.91
C LEU A 86 7.36 -1.12 -10.38
N ARG A 87 7.67 -2.18 -9.65
CA ARG A 87 8.68 -3.11 -10.13
C ARG A 87 8.30 -3.69 -11.48
N VAL A 88 6.99 -3.98 -11.68
CA VAL A 88 6.51 -4.48 -12.97
C VAL A 88 6.64 -3.39 -14.03
N GLN A 89 6.00 -2.25 -13.82
CA GLN A 89 6.00 -1.16 -14.79
C GLN A 89 7.39 -0.72 -15.23
N LEU A 90 8.27 -0.57 -14.26
CA LEU A 90 9.57 0.01 -14.54
C LEU A 90 10.45 -0.99 -15.25
N ASN A 91 10.26 -2.26 -14.95
CA ASN A 91 10.97 -3.31 -15.66
C ASN A 91 10.42 -3.69 -17.06
N ILE A 92 9.10 -3.50 -17.27
CA ILE A 92 8.55 -3.55 -18.61
C ILE A 92 9.07 -2.40 -19.47
N ILE A 93 8.88 -1.15 -19.04
CA ILE A 93 9.36 -0.01 -19.83
C ILE A 93 10.89 -0.02 -20.00
N GLY A 94 11.62 -0.34 -18.92
CA GLY A 94 13.07 -0.47 -18.98
C GLY A 94 13.51 -1.43 -20.04
N GLY A 95 12.93 -2.63 -20.04
CA GLY A 95 13.15 -3.63 -21.10
C GLY A 95 12.88 -3.12 -22.52
N TYR A 96 11.82 -2.34 -22.72
CA TYR A 96 11.56 -1.70 -24.02
C TYR A 96 12.60 -0.66 -24.37
N ILE A 97 12.99 0.17 -23.39
CA ILE A 97 14.01 1.19 -23.59
C ILE A 97 15.33 0.53 -24.01
N TYR A 98 15.66 -0.56 -23.36
CA TYR A 98 16.83 -1.33 -23.71
C TYR A 98 16.84 -1.79 -25.17
N LEU A 99 15.71 -2.34 -25.63
CA LEU A 99 15.59 -2.78 -27.01
C LEU A 99 15.58 -1.62 -28.00
N ASP A 100 14.88 -0.52 -27.69
CA ASP A 100 15.01 0.70 -28.50
C ASP A 100 16.48 1.12 -28.61
N ASN A 101 17.21 1.05 -27.49
CA ASN A 101 18.62 1.41 -27.48
C ASN A 101 19.46 0.47 -28.34
N ALA A 102 19.13 -0.82 -28.33
CA ALA A 102 19.87 -1.77 -29.13
C ALA A 102 19.55 -1.64 -30.63
N ALA A 103 18.44 -0.99 -30.97
CA ALA A 103 17.97 -0.86 -32.37
C ALA A 103 18.47 0.41 -33.09
N VAL A 104 19.20 1.24 -32.38
CA VAL A 104 19.88 2.38 -32.97
C VAL A 104 21.03 1.95 -33.92
N GLY A 105 21.68 0.82 -33.60
CA GLY A 105 22.64 0.16 -34.49
C GLY A 105 22.06 -0.04 -35.89
N LYS A 106 21.02 -0.87 -35.96
CA LYS A 106 20.17 -1.10 -37.17
C LYS A 106 19.69 0.15 -37.94
N ASN A 107 19.18 -0.08 -39.15
CA ASN A 107 18.62 0.99 -40.00
C ASN A 107 17.18 0.68 -40.44
N GLY A 108 16.38 1.73 -40.64
CA GLY A 108 14.94 1.57 -40.88
C GLY A 108 14.14 1.24 -39.62
N THR A 109 14.75 1.44 -38.45
CA THR A 109 14.12 1.21 -37.16
C THR A 109 13.71 2.54 -36.52
N THR A 110 12.51 2.54 -35.95
CA THR A 110 12.00 3.68 -35.22
C THR A 110 11.86 3.29 -33.72
N ILE A 111 11.88 4.26 -32.82
CA ILE A 111 11.78 3.88 -31.41
C ILE A 111 10.34 3.68 -30.90
N LEU A 112 10.15 2.56 -30.22
CA LEU A 112 8.86 2.18 -29.66
C LEU A 112 8.45 3.04 -28.47
N ALA A 113 9.38 3.26 -27.53
CA ALA A 113 9.09 3.94 -26.26
C ALA A 113 9.84 5.27 -26.09
N PRO A 114 9.45 6.29 -26.88
CA PRO A 114 10.00 7.62 -26.65
C PRO A 114 9.43 8.23 -25.35
N PRO A 115 10.03 9.35 -24.88
CA PRO A 115 9.61 9.90 -23.61
C PRO A 115 8.10 10.05 -23.40
N ASP A 116 7.36 10.43 -24.44
CA ASP A 116 5.93 10.69 -24.24
C ASP A 116 5.13 9.40 -24.03
N VAL A 117 5.59 8.31 -24.66
CA VAL A 117 5.04 6.99 -24.38
C VAL A 117 5.36 6.45 -22.95
N GLN A 118 6.62 6.54 -22.55
CA GLN A 118 7.03 6.18 -21.20
C GLN A 118 6.15 6.86 -20.17
N GLN A 119 5.98 8.15 -20.32
CA GLN A 119 5.25 8.96 -19.39
C GLN A 119 3.77 8.63 -19.34
N GLN A 120 3.15 8.40 -20.49
CA GLN A 120 1.75 8.00 -20.52
C GLN A 120 1.58 6.57 -19.95
N TYR A 121 2.46 5.65 -20.33
CA TYR A 121 2.45 4.32 -19.74
C TYR A 121 2.47 4.42 -18.19
N LEU A 122 3.54 5.02 -17.64
CA LEU A 122 3.75 5.15 -16.18
C LEU A 122 2.65 5.88 -15.42
N SER A 123 1.87 6.72 -16.12
CA SER A 123 0.76 7.44 -15.48
C SER A 123 -0.38 6.50 -15.14
N SER A 124 -0.35 5.26 -15.68
CA SER A 124 -1.36 4.28 -15.29
C SER A 124 -1.40 4.08 -13.76
N ILE A 125 -0.30 4.39 -13.07
CA ILE A 125 -0.19 4.34 -11.62
C ILE A 125 -1.27 5.14 -10.91
N GLN A 126 -1.81 6.16 -11.59
CA GLN A 126 -2.84 6.97 -11.00
C GLN A 126 -4.06 6.16 -10.59
N HIS A 127 -4.30 5.00 -11.20
CA HIS A 127 -5.46 4.23 -10.77
C HIS A 127 -5.32 3.74 -9.31
N LEU A 128 -4.14 3.16 -9.00
CA LEU A 128 -3.80 2.72 -7.65
C LEU A 128 -3.91 3.85 -6.62
N LEU A 129 -3.43 5.04 -6.98
CA LEU A 129 -3.46 6.18 -6.09
C LEU A 129 -4.83 6.82 -6.08
N GLY A 130 -5.68 6.43 -7.03
CA GLY A 130 -6.91 7.12 -7.31
C GLY A 130 -8.10 6.23 -7.06
N ASP A 131 -8.81 5.84 -8.11
CA ASP A 131 -10.08 5.17 -7.97
C ASP A 131 -9.94 3.78 -7.41
N GLY A 132 -8.79 3.15 -7.68
CA GLY A 132 -8.50 1.82 -7.15
C GLY A 132 -8.35 1.90 -5.64
N LEU A 133 -7.65 2.93 -5.16
CA LEU A 133 -7.45 3.14 -3.73
C LEU A 133 -8.79 3.24 -3.04
N THR A 134 -9.62 4.12 -3.58
CA THR A 134 -10.99 4.39 -3.12
C THR A 134 -11.85 3.15 -3.10
N GLU A 135 -11.71 2.32 -4.11
CA GLU A 135 -12.44 1.07 -4.06
C GLU A 135 -11.85 0.07 -3.05
N LEU A 136 -10.54 0.13 -2.82
CA LEU A 136 -9.90 -0.72 -1.84
C LEU A 136 -10.36 -0.34 -0.44
N ILE A 137 -10.38 0.96 -0.16
CA ILE A 137 -10.92 1.46 1.10
C ILE A 137 -12.32 0.90 1.32
N THR A 138 -13.17 0.97 0.30
CA THR A 138 -14.54 0.52 0.41
C THR A 138 -14.61 -0.96 0.78
N VAL A 139 -13.76 -1.77 0.17
CA VAL A 139 -13.79 -3.23 0.40
C VAL A 139 -13.21 -3.59 1.77
N ILE A 140 -12.11 -2.94 2.11
CA ILE A 140 -11.52 -3.16 3.41
C ILE A 140 -12.38 -2.60 4.52
N LYS A 141 -13.02 -1.45 4.30
CA LYS A 141 -13.87 -0.89 5.34
C LYS A 141 -14.99 -1.87 5.66
N GLN A 142 -15.50 -2.52 4.63
CA GLN A 142 -16.56 -3.48 4.78
C GLN A 142 -16.06 -4.66 5.62
N ALA A 143 -14.80 -5.06 5.45
CA ALA A 143 -14.23 -6.20 6.16
C ALA A 143 -14.00 -5.89 7.63
N VAL A 144 -13.43 -4.73 7.91
CA VAL A 144 -13.22 -4.30 9.26
C VAL A 144 -14.56 -4.25 9.99
N GLN A 145 -15.57 -3.70 9.33
CA GLN A 145 -16.95 -3.64 9.87
C GLN A 145 -17.43 -5.03 10.28
N LYS A 146 -17.31 -5.99 9.38
CA LYS A 146 -17.67 -7.36 9.67
C LYS A 146 -16.91 -7.95 10.89
N VAL A 147 -15.61 -7.70 10.96
CA VAL A 147 -14.78 -8.39 11.94
C VAL A 147 -14.83 -7.67 13.29
N LEU A 148 -14.78 -6.34 13.28
CA LEU A 148 -14.65 -5.54 14.50
C LEU A 148 -15.92 -4.77 14.88
N GLY A 149 -16.89 -4.73 13.98
CA GLY A 149 -18.08 -3.94 14.17
C GLY A 149 -18.83 -4.25 15.45
N SER A 150 -19.06 -5.53 15.70
CA SER A 150 -19.80 -5.96 16.89
C SER A 150 -18.88 -6.33 18.08
N VAL A 151 -17.66 -5.80 18.10
CA VAL A 151 -16.69 -6.05 19.17
C VAL A 151 -16.60 -4.80 20.08
N SER A 152 -16.89 -5.01 21.36
CA SER A 152 -17.01 -3.89 22.25
C SER A 152 -15.68 -3.15 22.40
N LEU A 153 -15.77 -1.87 22.67
CA LEU A 153 -14.58 -1.09 22.91
C LEU A 153 -13.83 -1.60 24.15
N LYS A 154 -14.53 -2.38 24.96
CA LYS A 154 -14.04 -2.90 26.23
C LYS A 154 -13.29 -4.23 26.08
N HIS A 155 -13.55 -4.97 24.99
CA HIS A 155 -12.90 -6.25 24.69
C HIS A 155 -11.39 -6.13 24.62
N SER A 156 -10.69 -7.05 25.29
CA SER A 156 -9.23 -7.08 25.29
C SER A 156 -8.66 -7.99 24.22
N LEU A 157 -7.56 -7.57 23.59
CA LEU A 157 -6.81 -8.41 22.70
C LEU A 157 -5.35 -8.28 23.06
N SER A 158 -4.66 -9.41 23.11
CA SER A 158 -3.20 -9.41 23.18
C SER A 158 -2.69 -9.00 21.78
N LEU A 159 -1.39 -8.78 21.65
CA LEU A 159 -0.75 -8.57 20.35
C LEU A 159 -1.16 -9.66 19.35
N LEU A 160 -1.19 -10.92 19.79
CA LEU A 160 -1.45 -12.04 18.89
C LEU A 160 -2.92 -12.21 18.59
N ASP A 161 -3.78 -11.73 19.49
CA ASP A 161 -5.20 -11.74 19.22
C ASP A 161 -5.49 -10.72 18.13
N LEU A 162 -4.74 -9.62 18.21
CA LEU A 162 -4.83 -8.55 17.25
C LEU A 162 -4.35 -9.09 15.89
N GLU A 163 -3.20 -9.76 15.89
CA GLU A 163 -2.71 -10.40 14.65
C GLU A 163 -3.81 -11.24 14.02
N GLN A 164 -4.52 -12.00 14.84
CA GLN A 164 -5.57 -12.89 14.34
C GLN A 164 -6.74 -12.09 13.76
N LYS A 165 -7.08 -10.96 14.38
CA LYS A 165 -8.12 -10.10 13.85
C LYS A 165 -7.73 -9.59 12.45
N LEU A 166 -6.47 -9.15 12.30
CA LEU A 166 -5.94 -8.71 11.02
C LEU A 166 -5.99 -9.83 9.98
N LYS A 167 -5.79 -11.09 10.39
CA LYS A 167 -5.87 -12.20 9.43
C LYS A 167 -7.29 -12.45 8.97
N GLU A 168 -8.24 -12.29 9.88
CA GLU A 168 -9.65 -12.43 9.53
C GLU A 168 -10.05 -11.31 8.57
N ILE A 169 -9.55 -10.10 8.77
CA ILE A 169 -9.77 -9.02 7.82
C ILE A 169 -9.16 -9.39 6.42
N ARG A 170 -7.91 -9.85 6.41
CA ARG A 170 -7.29 -10.27 5.17
C ARG A 170 -8.03 -11.39 4.44
N ASN A 171 -8.59 -12.36 5.16
CA ASN A 171 -9.28 -13.44 4.47
C ASN A 171 -10.54 -12.97 3.77
N LEU A 172 -11.22 -11.98 4.35
CA LEU A 172 -12.38 -11.39 3.73
C LEU A 172 -12.03 -10.58 2.47
N VAL A 173 -10.83 -10.00 2.42
CA VAL A 173 -10.42 -9.13 1.34
C VAL A 173 -9.86 -9.99 0.21
N GLU A 174 -9.05 -10.99 0.55
CA GLU A 174 -8.39 -11.82 -0.45
C GLU A 174 -9.26 -13.06 -0.84
N GLN A 175 -10.55 -12.80 -1.14
CA GLN A 175 -11.60 -13.80 -1.51
C GLN A 175 -13.02 -13.26 -1.21
N LYS A 188 -14.49 -9.96 -2.75
CA LYS A 188 -15.23 -10.10 -4.02
C LYS A 188 -14.32 -10.23 -5.28
N PRO A 189 -13.32 -9.31 -5.45
CA PRO A 189 -12.42 -9.37 -6.62
C PRO A 189 -10.92 -9.62 -6.33
N LEU A 190 -10.19 -10.16 -7.32
CA LEU A 190 -8.74 -10.33 -7.25
C LEU A 190 -8.08 -9.00 -6.95
N LEU A 191 -6.87 -9.06 -6.40
CA LEU A 191 -6.15 -7.86 -6.00
C LEU A 191 -5.72 -7.03 -7.18
N CYS A 192 -5.52 -7.69 -8.32
CA CYS A 192 -5.13 -7.04 -9.58
C CYS A 192 -6.09 -5.90 -9.97
N HIS A 193 -7.31 -6.00 -9.50
CA HIS A 193 -8.38 -5.07 -9.80
C HIS A 193 -8.20 -3.69 -9.20
N TYR A 194 -7.39 -3.56 -8.14
CA TYR A 194 -7.12 -2.27 -7.47
C TYR A 194 -5.90 -1.57 -8.05
N MET A 195 -5.11 -2.32 -8.81
CA MET A 195 -3.93 -1.76 -9.43
C MET A 195 -4.20 -1.29 -10.85
N MET A 196 -5.17 -1.92 -11.50
CA MET A 196 -5.50 -1.65 -12.88
C MET A 196 -7.03 -1.70 -13.03
N PRO A 197 -7.61 -0.72 -13.74
CA PRO A 197 -9.04 -0.84 -14.06
C PRO A 197 -9.30 -2.03 -14.99
N ASP A 198 -10.52 -2.56 -14.96
CA ASP A 198 -10.87 -3.68 -15.84
C ASP A 198 -10.76 -3.28 -17.32
N GLU A 199 -10.48 -4.24 -18.20
CA GLU A 199 -10.33 -3.89 -19.62
C GLU A 199 -11.59 -3.32 -20.24
N GLU A 200 -12.75 -3.70 -19.72
CA GLU A 200 -14.04 -3.23 -20.22
C GLU A 200 -14.33 -1.80 -19.80
N THR A 201 -13.30 -0.98 -19.70
CA THR A 201 -13.40 0.33 -19.09
C THR A 201 -12.99 1.29 -20.18
N PRO A 202 -13.53 2.53 -20.19
CA PRO A 202 -13.02 3.48 -21.18
C PRO A 202 -11.51 3.63 -21.03
N LEU A 203 -10.81 3.60 -22.15
CA LEU A 203 -9.38 3.74 -22.21
C LEU A 203 -8.95 4.92 -21.40
N ALA A 204 -9.72 5.99 -21.47
CA ALA A 204 -9.38 7.24 -20.82
C ALA A 204 -9.11 7.12 -19.32
N VAL A 205 -9.79 6.20 -18.62
CA VAL A 205 -9.54 6.06 -17.15
C VAL A 205 -8.31 5.20 -16.81
N GLN A 206 -7.62 4.68 -17.83
CA GLN A 206 -6.56 3.71 -17.63
C GLN A 206 -5.15 4.32 -17.69
N ALA A 207 -5.00 5.44 -18.36
CA ALA A 207 -3.75 6.16 -18.40
C ALA A 207 -4.13 7.61 -18.67
N CYS A 208 -3.24 8.55 -18.35
CA CYS A 208 -3.52 9.97 -18.55
C CYS A 208 -3.68 10.35 -20.03
N GLY A 209 -4.86 10.84 -20.39
CA GLY A 209 -5.17 11.18 -21.79
C GLY A 209 -5.15 10.02 -22.78
N LEU A 210 -5.44 8.80 -22.29
CA LEU A 210 -5.30 7.61 -23.08
C LEU A 210 -6.43 7.51 -24.12
N SER A 211 -6.06 7.31 -25.39
CA SER A 211 -7.04 7.14 -26.44
C SER A 211 -6.66 5.97 -27.36
N PRO A 212 -7.59 5.52 -28.22
CA PRO A 212 -7.31 4.40 -29.13
C PRO A 212 -6.12 4.65 -30.05
N ARG A 213 -5.77 5.91 -30.25
CA ARG A 213 -4.60 6.23 -31.05
C ARG A 213 -3.26 5.90 -30.39
N ASP A 214 -3.26 5.71 -29.06
CA ASP A 214 -2.02 5.38 -28.31
C ASP A 214 -1.69 3.87 -28.37
N ILE A 215 -1.52 3.35 -29.57
CA ILE A 215 -1.29 1.92 -29.79
C ILE A 215 -0.21 1.32 -28.87
N THR A 216 0.97 1.93 -28.83
CA THR A 216 2.05 1.42 -28.02
C THR A 216 1.72 1.41 -26.52
N THR A 217 1.15 2.48 -26.01
CA THR A 217 0.76 2.49 -24.64
C THR A 217 -0.23 1.37 -24.37
N ILE A 218 -1.20 1.19 -25.27
CA ILE A 218 -2.22 0.16 -25.07
C ILE A 218 -1.57 -1.21 -24.98
N LYS A 219 -0.60 -1.45 -25.87
CA LYS A 219 0.17 -2.68 -25.90
C LYS A 219 0.96 -2.94 -24.58
N LEU A 220 1.64 -1.91 -24.07
CA LEU A 220 2.29 -1.99 -22.75
C LEU A 220 1.27 -2.29 -21.65
N LEU A 221 0.13 -1.63 -21.66
CA LEU A 221 -0.86 -1.93 -20.67
C LEU A 221 -1.35 -3.38 -20.75
N ASN A 222 -1.51 -3.94 -21.97
CA ASN A 222 -1.86 -5.35 -22.15
C ASN A 222 -0.85 -6.28 -21.48
N GLU A 223 0.42 -6.01 -21.75
CA GLU A 223 1.48 -6.88 -21.22
C GLU A 223 1.60 -6.75 -19.70
N THR A 224 1.30 -5.56 -19.19
CA THR A 224 1.26 -5.34 -17.77
C THR A 224 0.17 -6.17 -17.16
N ARG A 225 -1.01 -6.15 -17.78
CA ARG A 225 -2.14 -6.99 -17.34
C ARG A 225 -1.81 -8.48 -17.35
N ASP A 226 -1.05 -8.93 -18.34
CA ASP A 226 -0.62 -10.31 -18.38
C ASP A 226 0.18 -10.58 -17.12
N MET A 227 1.12 -9.68 -16.79
CA MET A 227 2.00 -9.85 -15.63
C MET A 227 1.21 -9.88 -14.32
N LEU A 228 0.31 -8.92 -14.15
CA LEU A 228 -0.46 -8.82 -12.93
C LEU A 228 -1.35 -10.03 -12.67
N GLU A 229 -1.70 -10.75 -13.73
CA GLU A 229 -2.59 -11.92 -13.63
C GLU A 229 -1.81 -13.24 -13.58
N SER A 230 -0.48 -13.14 -13.71
CA SER A 230 0.35 -14.33 -13.77
C SER A 230 0.54 -14.83 -12.36
N PRO A 231 0.76 -16.16 -12.20
CA PRO A 231 0.91 -16.63 -10.82
C PRO A 231 2.17 -16.13 -10.12
N ASP A 232 3.26 -15.88 -10.85
CA ASP A 232 4.47 -15.34 -10.21
C ASP A 232 4.24 -13.97 -9.58
N PHE A 233 3.40 -13.16 -10.19
CA PHE A 233 3.09 -11.89 -9.58
C PHE A 233 2.27 -12.14 -8.31
N SER A 234 1.39 -13.12 -8.36
CA SER A 234 0.57 -13.44 -7.22
C SER A 234 1.43 -13.81 -6.01
N THR A 235 2.49 -14.57 -6.29
CA THR A 235 3.41 -15.02 -5.29
C THR A 235 4.17 -13.86 -4.64
N VAL A 236 4.75 -12.98 -5.46
CA VAL A 236 5.55 -11.86 -4.96
C VAL A 236 4.70 -10.91 -4.10
N LEU A 237 3.54 -10.52 -4.59
CA LEU A 237 2.63 -9.70 -3.85
C LEU A 237 2.20 -10.37 -2.55
N ASN A 238 1.93 -11.68 -2.57
CA ASN A 238 1.56 -12.35 -1.31
C ASN A 238 2.69 -12.34 -0.28
N THR A 239 3.91 -12.57 -0.75
CA THR A 239 5.06 -12.48 0.11
C THR A 239 5.24 -11.07 0.69
N CYS A 240 5.07 -10.05 -0.15
CA CYS A 240 5.18 -8.68 0.30
C CYS A 240 4.14 -8.35 1.34
N LEU A 241 2.91 -8.84 1.12
CA LEU A 241 1.82 -8.56 2.02
C LEU A 241 2.04 -9.23 3.38
N ASN A 242 2.56 -10.46 3.38
CA ASN A 242 2.83 -11.16 4.62
C ASN A 242 3.89 -10.44 5.41
N ARG A 243 4.93 -9.98 4.72
CA ARG A 243 5.97 -9.19 5.37
C ARG A 243 5.42 -7.90 5.96
N GLY A 244 4.60 -7.21 5.17
CA GLY A 244 4.04 -5.93 5.57
C GLY A 244 3.22 -6.04 6.83
N PHE A 245 2.34 -7.05 6.90
CA PHE A 245 1.51 -7.24 8.08
C PHE A 245 2.30 -7.68 9.32
N SER A 246 3.32 -8.51 9.12
CA SER A 246 4.32 -8.88 10.14
C SER A 246 5.01 -7.66 10.71
N ARG A 247 5.53 -6.82 9.83
CA ARG A 247 6.22 -5.61 10.24
C ARG A 247 5.27 -4.64 10.94
N LEU A 248 4.05 -4.52 10.44
CA LEU A 248 3.05 -3.71 11.13
C LEU A 248 2.87 -4.24 12.59
N LEU A 249 2.68 -5.55 12.71
CA LEU A 249 2.58 -6.17 14.02
C LEU A 249 3.81 -5.89 14.92
N ASP A 250 5.02 -6.13 14.40
CA ASP A 250 6.25 -5.74 15.09
C ASP A 250 6.31 -4.27 15.54
N ASN A 251 5.82 -3.33 14.74
CA ASN A 251 5.90 -1.92 15.14
C ASN A 251 5.00 -1.65 16.33
N MET A 252 3.98 -2.49 16.49
CA MET A 252 2.98 -2.25 17.50
C MET A 252 3.35 -2.94 18.83
N ALA A 253 4.27 -3.89 18.76
CA ALA A 253 4.60 -4.77 19.91
C ALA A 253 4.93 -4.03 21.19
N GLU A 254 5.76 -2.99 21.07
CA GLU A 254 6.22 -2.22 22.22
C GLU A 254 5.05 -1.60 23.03
N PHE A 255 3.94 -1.32 22.37
CA PHE A 255 2.76 -0.74 23.02
C PHE A 255 1.90 -1.77 23.77
N PHE A 256 2.20 -3.04 23.52
CA PHE A 256 1.59 -4.15 24.26
C PHE A 256 2.54 -4.61 25.35
N ARG A 257 3.51 -3.75 25.67
CA ARG A 257 4.38 -3.93 26.82
C ARG A 257 4.07 -2.86 27.89
N PRO A 258 4.88 -2.80 28.95
CA PRO A 258 4.48 -1.90 30.02
C PRO A 258 5.43 -0.74 30.23
N SER A 271 8.77 -5.85 32.56
CA SER A 271 8.93 -5.04 31.34
C SER A 271 9.10 -5.89 30.06
N LEU A 272 9.24 -7.22 30.23
CA LEU A 272 9.29 -8.19 29.11
C LEU A 272 7.96 -8.95 28.98
N SER A 273 7.01 -8.59 29.84
CA SER A 273 5.68 -9.17 29.81
C SER A 273 4.80 -8.49 28.78
N SER A 274 3.84 -9.23 28.25
CA SER A 274 2.92 -8.66 27.30
C SER A 274 1.52 -8.63 27.92
N VAL A 275 0.70 -7.66 27.53
CA VAL A 275 -0.65 -7.52 28.06
C VAL A 275 -1.71 -7.62 26.96
N SER A 276 -2.92 -8.00 27.34
CA SER A 276 -4.09 -7.78 26.49
C SER A 276 -4.68 -6.41 26.77
N LEU A 277 -4.76 -5.56 25.74
CA LEU A 277 -5.34 -4.21 25.91
C LEU A 277 -6.77 -4.20 25.47
N PRO A 278 -7.60 -3.34 26.10
CA PRO A 278 -8.98 -3.17 25.59
C PRO A 278 -8.94 -2.49 24.22
N LEU A 279 -9.91 -2.81 23.36
CA LEU A 279 -9.91 -2.31 21.99
C LEU A 279 -9.76 -0.80 21.88
N ALA A 280 -10.46 -0.04 22.72
CA ALA A 280 -10.33 1.42 22.71
C ALA A 280 -8.87 1.88 22.87
N LYS A 281 -8.08 1.12 23.61
CA LYS A 281 -6.67 1.48 23.76
C LYS A 281 -5.84 1.06 22.54
N ILE A 282 -6.32 0.07 21.80
CA ILE A 282 -5.64 -0.42 20.62
C ILE A 282 -5.85 0.52 19.42
N ILE A 283 -7.03 1.12 19.32
CA ILE A 283 -7.35 2.11 18.26
C ILE A 283 -6.27 3.21 18.04
N PRO A 284 -5.92 3.99 19.08
CA PRO A 284 -4.85 4.96 18.86
C PRO A 284 -3.52 4.36 18.37
N ILE A 285 -3.23 3.13 18.79
CA ILE A 285 -1.98 2.47 18.41
C ILE A 285 -2.01 2.09 16.92
N VAL A 286 -3.17 1.63 16.45
CA VAL A 286 -3.33 1.18 15.09
C VAL A 286 -3.35 2.42 14.21
N ASN A 287 -3.99 3.46 14.71
CA ASN A 287 -4.14 4.71 14.01
C ASN A 287 -2.83 5.36 13.62
N GLY A 288 -1.82 5.23 14.48
CA GLY A 288 -0.57 5.91 14.23
C GLY A 288 0.33 5.21 13.23
N GLN A 289 -0.04 3.99 12.84
CA GLN A 289 0.86 3.19 12.02
C GLN A 289 1.01 3.67 10.56
N ILE A 290 0.07 4.45 10.05
CA ILE A 290 0.23 4.96 8.70
C ILE A 290 1.55 5.74 8.53
N HIS A 291 1.91 6.51 9.54
CA HIS A 291 3.15 7.27 9.53
C HIS A 291 4.41 6.40 9.39
N SER A 292 4.36 5.15 9.82
CA SER A 292 5.49 4.24 9.61
C SER A 292 5.35 3.47 8.31
N VAL A 293 4.14 3.00 8.03
CA VAL A 293 3.89 2.21 6.83
C VAL A 293 4.17 3.04 5.56
N CYS A 294 3.60 4.23 5.48
CA CYS A 294 3.79 5.08 4.29
C CYS A 294 4.86 6.14 4.45
N SER A 295 6.04 5.73 4.92
CA SER A 295 7.06 6.70 5.26
C SER A 295 8.15 6.83 4.20
N GLU A 296 8.17 7.99 3.55
CA GLU A 296 9.19 8.38 2.57
C GLU A 296 10.60 8.43 3.17
N THR A 297 10.67 8.72 4.48
CA THR A 297 11.92 8.70 5.24
C THR A 297 12.37 7.25 5.34
N PRO A 298 12.65 6.62 4.18
CA PRO A 298 12.28 5.21 4.11
C PRO A 298 12.26 4.66 5.53
N SER A 299 11.06 4.56 6.10
CA SER A 299 10.89 3.82 7.36
C SER A 299 11.54 2.49 7.13
N HIS A 300 11.93 1.83 8.19
CA HIS A 300 12.40 0.48 8.01
C HIS A 300 11.36 -0.35 7.18
N PHE A 301 10.08 0.08 7.18
CA PHE A 301 8.97 -0.66 6.55
C PHE A 301 9.10 -0.73 5.03
N VAL A 302 9.20 0.44 4.42
CA VAL A 302 9.31 0.51 2.97
C VAL A 302 10.64 -0.04 2.45
N GLN A 303 11.74 0.28 3.14
CA GLN A 303 13.07 -0.23 2.74
C GLN A 303 13.14 -1.74 2.89
N ASP A 304 12.39 -2.22 3.87
CA ASP A 304 12.14 -3.62 4.04
C ASP A 304 11.68 -4.24 2.72
N LEU A 305 10.53 -3.78 2.20
CA LEU A 305 10.00 -4.23 0.91
C LEU A 305 10.99 -4.05 -0.23
N LEU A 306 11.61 -2.86 -0.32
CA LEU A 306 12.53 -2.55 -1.44
C LEU A 306 13.79 -3.40 -1.47
N THR A 307 14.09 -4.10 -0.39
CA THR A 307 15.30 -4.91 -0.36
C THR A 307 14.99 -6.40 -0.34
N MET A 308 13.72 -6.79 -0.37
CA MET A 308 13.40 -8.22 -0.39
C MET A 308 13.98 -8.88 -1.61
N GLU A 309 14.75 -9.92 -1.41
CA GLU A 309 15.33 -10.68 -2.51
C GLU A 309 14.25 -11.31 -3.42
N GLN A 310 13.12 -11.75 -2.85
CA GLN A 310 12.05 -12.29 -3.69
C GLN A 310 11.55 -11.24 -4.72
N VAL A 311 11.34 -10.01 -4.27
CA VAL A 311 10.95 -8.90 -5.12
C VAL A 311 12.00 -8.64 -6.18
N LYS A 312 13.26 -8.66 -5.77
CA LYS A 312 14.35 -8.40 -6.69
C LYS A 312 14.46 -9.49 -7.74
N ASP A 313 14.29 -10.76 -7.37
CA ASP A 313 14.30 -11.85 -8.36
C ASP A 313 13.16 -11.78 -9.38
N PHE A 314 11.99 -11.44 -8.88
CA PHE A 314 10.84 -11.25 -9.72
C PHE A 314 11.11 -10.13 -10.74
N ALA A 315 11.62 -8.99 -10.27
CA ALA A 315 11.99 -7.89 -11.14
C ALA A 315 12.94 -8.32 -12.27
N ALA A 316 13.93 -9.14 -11.93
CA ALA A 316 14.90 -9.60 -12.93
C ALA A 316 14.27 -10.52 -13.95
N ASN A 317 13.31 -11.34 -13.55
CA ASN A 317 12.59 -12.13 -14.53
C ASN A 317 11.73 -11.23 -15.43
N VAL A 318 11.07 -10.23 -14.86
CA VAL A 318 10.30 -9.31 -15.67
C VAL A 318 11.20 -8.61 -16.69
N TYR A 319 12.35 -8.12 -16.25
CA TYR A 319 13.30 -7.43 -17.11
C TYR A 319 13.93 -8.32 -18.17
N GLU A 320 14.28 -9.55 -17.81
CA GLU A 320 14.84 -10.45 -18.80
C GLU A 320 13.80 -10.67 -19.90
N ALA A 321 12.55 -10.97 -19.52
CA ALA A 321 11.47 -11.14 -20.50
C ALA A 321 11.28 -9.95 -21.47
N PHE A 322 11.25 -8.72 -20.97
CA PHE A 322 10.92 -7.57 -21.81
C PHE A 322 12.08 -6.92 -22.54
N SER A 323 13.27 -7.46 -22.32
CA SER A 323 14.47 -6.91 -22.93
C SER A 323 15.12 -7.90 -23.90
N THR A 324 14.45 -9.03 -24.15
CA THR A 324 14.89 -9.98 -25.17
C THR A 324 13.92 -9.93 -26.37
N PRO A 325 14.46 -9.99 -27.61
CA PRO A 325 13.67 -9.77 -28.87
C PRO A 325 12.36 -10.54 -29.02
N ASP B 20 -19.86 0.98 31.12
CA ASP B 20 -20.92 1.92 31.61
C ASP B 20 -20.31 3.20 32.22
N ARG B 21 -19.49 3.03 33.26
CA ARG B 21 -18.76 4.13 33.91
C ARG B 21 -17.26 3.82 33.94
N GLU B 22 -16.94 2.52 33.95
CA GLU B 22 -15.61 2.03 33.57
C GLU B 22 -15.31 2.45 32.12
N LEU B 23 -16.36 2.46 31.30
CA LEU B 23 -16.31 2.98 29.94
C LEU B 23 -15.78 4.41 29.89
N GLU B 24 -16.42 5.32 30.60
CA GLU B 24 -16.02 6.73 30.64
C GLU B 24 -14.52 6.91 30.87
N GLU B 25 -13.96 6.28 31.90
CA GLU B 25 -12.53 6.47 32.21
C GLU B 25 -11.61 5.81 31.17
N LEU B 26 -12.15 4.81 30.46
CA LEU B 26 -11.42 4.14 29.39
C LEU B 26 -11.29 5.01 28.15
N LEU B 27 -12.41 5.60 27.73
CA LEU B 27 -12.43 6.52 26.60
C LEU B 27 -11.59 7.78 26.81
N GLU B 28 -11.59 8.35 28.01
CA GLU B 28 -10.82 9.57 28.29
C GLU B 28 -9.33 9.24 28.38
N SER B 29 -9.04 8.01 28.75
CA SER B 29 -7.66 7.56 28.87
C SER B 29 -7.08 7.29 27.48
N ALA B 30 -7.86 6.60 26.65
CA ALA B 30 -7.48 6.28 25.29
C ALA B 30 -7.13 7.54 24.47
N LEU B 31 -7.94 8.58 24.62
CA LEU B 31 -7.72 9.86 23.94
C LEU B 31 -6.29 10.40 24.08
N ASP B 32 -5.68 10.20 25.23
CA ASP B 32 -4.31 10.69 25.43
C ASP B 32 -3.31 9.87 24.62
N ASP B 33 -3.73 8.72 24.09
CA ASP B 33 -2.79 7.78 23.48
C ASP B 33 -2.48 8.01 21.99
N PHE B 34 -3.23 8.91 21.35
CA PHE B 34 -2.98 9.26 19.94
C PHE B 34 -1.61 9.92 19.70
N ASP B 35 -1.28 10.94 20.50
CA ASP B 35 0.06 11.54 20.46
C ASP B 35 1.18 10.55 20.83
N LYS B 36 0.94 9.73 21.86
CA LYS B 36 1.92 8.73 22.33
C LYS B 36 2.29 7.65 21.31
N ALA B 37 1.48 7.52 20.26
CA ALA B 37 1.60 6.41 19.28
C ALA B 37 2.36 6.74 17.98
N LYS B 38 2.59 8.04 17.72
CA LYS B 38 3.26 8.52 16.50
C LYS B 38 4.77 8.19 16.50
N PRO B 39 5.47 8.41 15.36
CA PRO B 39 6.87 8.01 15.27
C PRO B 39 7.87 9.10 15.71
N SER B 40 9.17 8.74 15.76
CA SER B 40 10.22 9.61 16.27
C SER B 40 10.77 10.64 15.24
N PRO B 41 11.66 11.57 15.70
CA PRO B 41 12.52 12.44 14.86
C PRO B 41 14.05 12.14 14.99
N ALA B 42 14.86 12.60 14.03
CA ALA B 42 16.30 12.21 13.95
C ALA B 42 17.35 13.35 13.83
N PRO B 43 18.48 13.24 14.57
CA PRO B 43 19.61 14.20 14.71
C PRO B 43 20.67 14.44 13.59
N PRO B 44 20.91 13.48 12.66
CA PRO B 44 21.98 13.78 11.70
C PRO B 44 21.46 14.50 10.44
N SER B 45 20.16 14.81 10.43
CA SER B 45 19.53 15.61 9.38
C SER B 45 19.79 17.12 9.58
#